data_6L4M
#
_entry.id   6L4M
#
_cell.length_a   135.980
_cell.length_b   135.980
_cell.length_c   135.980
_cell.angle_alpha   90.00
_cell.angle_beta   90.00
_cell.angle_gamma   90.00
#
_symmetry.space_group_name_H-M   'I 2 3'
#
loop_
_entity.id
_entity.type
_entity.pdbx_description
1 polymer Vicilin
2 non-polymer '2-HYDROXYBENZOIC ACID'
#
_entity_poly.entity_id   1
_entity_poly.type   'polypeptide(L)'
_entity_poly.pdbx_seq_one_letter_code
;NPYLFESQRFRSRFRASHGDFRILERFNQRSQLLKGIEKYRVAILELEPQSFVLPHHCDGEAIYVVVKGQGVINIAEQDN
KNSFNLQKGDVIRLFAGSNVYLLNKDNNEKLFVYVLAKSVNAPGNLQEYFSAGGQNPESFYRAFSSDILESAFNNPRDKL
ERLFGQHKEGIIIKASEEQIRAISEHASRSTQQTRGRTQGPFNLMKERPVFESRFGQFFEARPERYEQLRDLDAAVGFMN
INQGGMVLPYYNTKSTKLVMVIEGNARFEMACPHLGRQSQSPWSRGQGREQEREQEQEQEEGDVHYQKIRGNLNVGDVLV
IPAGHPITFVATGNSNLRIVGFGVDAENNKKNFLAGKQNIWRNIDREAKELSFSMPGREVEEIFQRQDQSYFVAGPE
;
_entity_poly.pdbx_strand_id   A
#
loop_
_chem_comp.id
_chem_comp.type
_chem_comp.name
_chem_comp.formula
SAL non-polymer '2-HYDROXYBENZOIC ACID' 'C7 H6 O3'
#
# COMPACT_ATOMS: atom_id res chain seq x y z
N ASN A 1 -18.11 5.21 -10.59
CA ASN A 1 -17.03 4.23 -10.69
C ASN A 1 -17.03 3.30 -9.48
N PRO A 2 -17.22 1.99 -9.71
CA PRO A 2 -17.06 1.03 -8.61
C PRO A 2 -15.62 0.86 -8.19
N TYR A 3 -14.67 1.26 -9.05
CA TYR A 3 -13.25 1.16 -8.74
C TYR A 3 -12.79 2.24 -7.78
N LEU A 4 -13.59 3.29 -7.60
CA LEU A 4 -13.19 4.45 -6.80
C LEU A 4 -13.62 4.22 -5.36
N PHE A 5 -12.65 3.99 -4.48
CA PHE A 5 -12.88 3.88 -3.04
C PHE A 5 -12.30 5.13 -2.39
N GLU A 6 -13.16 6.12 -2.12
CA GLU A 6 -12.70 7.34 -1.49
C GLU A 6 -12.16 7.05 -0.09
N SER A 7 -11.35 7.99 0.42
CA SER A 7 -10.76 7.83 1.74
C SER A 7 -11.81 7.64 2.81
N GLN A 8 -13.04 8.08 2.56
CA GLN A 8 -14.11 7.96 3.53
C GLN A 8 -14.57 6.52 3.72
N ARG A 9 -14.26 5.62 2.80
CA ARG A 9 -14.63 4.21 2.97
C ARG A 9 -13.62 3.43 3.80
N PHE A 10 -12.66 4.09 4.43
CA PHE A 10 -11.76 3.42 5.37
C PHE A 10 -12.45 3.34 6.73
N ARG A 11 -12.75 2.11 7.16
CA ARG A 11 -13.48 1.89 8.41
C ARG A 11 -12.47 1.71 9.53
N SER A 12 -12.38 2.71 10.42
CA SER A 12 -11.58 2.56 11.62
C SER A 12 -12.16 1.45 12.48
N ARG A 13 -11.36 0.40 12.72
CA ARG A 13 -11.86 -0.75 13.46
C ARG A 13 -11.90 -0.49 14.97
N PHE A 14 -10.75 -0.58 15.63
CA PHE A 14 -10.70 -0.54 17.09
C PHE A 14 -10.65 0.88 17.60
N ARG A 15 -11.14 1.07 18.83
CA ARG A 15 -11.08 2.35 19.51
C ARG A 15 -9.63 2.76 19.71
N ALA A 16 -9.06 3.47 18.74
CA ALA A 16 -7.67 3.89 18.78
C ALA A 16 -7.59 5.34 19.26
N SER A 17 -7.04 5.53 20.46
CA SER A 17 -7.06 6.84 21.10
C SER A 17 -6.14 7.83 20.40
N HIS A 18 -4.86 7.51 20.29
CA HIS A 18 -3.87 8.41 19.69
C HIS A 18 -3.58 7.91 18.28
N GLY A 19 -4.16 8.55 17.28
CA GLY A 19 -4.15 8.02 15.93
C GLY A 19 -5.13 6.87 15.80
N ASP A 20 -5.16 6.26 14.62
CA ASP A 20 -6.09 5.16 14.41
C ASP A 20 -5.68 4.33 13.20
N PHE A 21 -6.28 3.16 13.10
CA PHE A 21 -6.03 2.18 12.04
C PHE A 21 -7.33 1.90 11.31
N ARG A 22 -7.31 2.07 9.99
CA ARG A 22 -8.52 2.06 9.17
C ARG A 22 -8.42 0.97 8.12
N ILE A 23 -9.46 0.16 8.00
CA ILE A 23 -9.55 -0.90 7.01
C ILE A 23 -10.50 -0.44 5.91
N LEU A 24 -10.02 -0.44 4.67
CA LEU A 24 -10.91 -0.11 3.56
C LEU A 24 -11.92 -1.23 3.36
N GLU A 25 -13.05 -0.86 2.75
CA GLU A 25 -14.12 -1.77 2.38
C GLU A 25 -13.61 -2.98 1.61
N ARG A 26 -14.36 -4.08 1.64
CA ARG A 26 -14.05 -5.23 0.80
C ARG A 26 -14.31 -4.87 -0.66
N PHE A 27 -13.32 -5.15 -1.52
CA PHE A 27 -13.44 -4.76 -2.92
C PHE A 27 -14.60 -5.46 -3.62
N ASN A 28 -14.94 -6.68 -3.21
CA ASN A 28 -15.93 -7.45 -3.96
C ASN A 28 -17.35 -7.04 -3.63
N GLN A 29 -17.62 -6.63 -2.39
CA GLN A 29 -19.01 -6.39 -1.98
C GLN A 29 -19.63 -5.22 -2.71
N ARG A 30 -18.85 -4.15 -2.97
CA ARG A 30 -19.43 -2.97 -3.58
C ARG A 30 -19.92 -3.24 -5.00
N SER A 31 -19.19 -4.09 -5.73
CA SER A 31 -19.58 -4.45 -7.10
C SER A 31 -18.82 -5.74 -7.44
N GLN A 32 -19.53 -6.87 -7.48
CA GLN A 32 -18.87 -8.14 -7.70
C GLN A 32 -18.32 -8.30 -9.11
N LEU A 33 -17.49 -7.35 -9.54
CA LEU A 33 -16.56 -7.58 -10.63
C LEU A 33 -15.11 -7.41 -10.20
N LEU A 34 -14.88 -6.88 -9.00
CA LEU A 34 -13.55 -6.84 -8.38
C LEU A 34 -13.32 -8.08 -7.52
N LYS A 35 -13.54 -9.27 -8.10
CA LYS A 35 -13.37 -10.50 -7.36
C LYS A 35 -11.99 -11.11 -7.50
N GLY A 36 -11.20 -10.68 -8.49
CA GLY A 36 -9.81 -11.11 -8.54
C GLY A 36 -9.03 -10.60 -7.33
N ILE A 37 -9.49 -9.53 -6.72
CA ILE A 37 -8.86 -8.93 -5.55
C ILE A 37 -9.72 -9.13 -4.30
N GLU A 38 -10.60 -10.13 -4.31
CA GLU A 38 -11.51 -10.31 -3.18
C GLU A 38 -10.79 -10.81 -1.94
N LYS A 39 -9.73 -11.60 -2.10
CA LYS A 39 -8.90 -12.02 -0.97
C LYS A 39 -8.04 -10.88 -0.43
N TYR A 40 -7.94 -9.78 -1.17
CA TYR A 40 -7.02 -8.70 -0.84
C TYR A 40 -7.75 -7.62 -0.06
N ARG A 41 -7.08 -7.08 0.96
CA ARG A 41 -7.65 -6.01 1.76
C ARG A 41 -6.58 -4.94 1.96
N VAL A 42 -6.94 -3.69 1.70
CA VAL A 42 -6.02 -2.57 1.88
C VAL A 42 -6.43 -1.79 3.12
N ALA A 43 -5.44 -1.25 3.81
CA ALA A 43 -5.68 -0.48 5.03
C ALA A 43 -4.69 0.66 5.12
N ILE A 44 -4.96 1.59 6.04
CA ILE A 44 -4.09 2.74 6.29
C ILE A 44 -3.95 2.91 7.78
N LEU A 45 -2.74 2.73 8.30
CA LEU A 45 -2.48 2.76 9.73
C LEU A 45 -1.80 4.08 10.08
N GLU A 46 -2.37 4.78 11.06
CA GLU A 46 -1.99 6.17 11.34
C GLU A 46 -1.53 6.30 12.78
N LEU A 47 -0.33 6.88 12.97
CA LEU A 47 0.34 6.93 14.25
C LEU A 47 0.73 8.37 14.57
N GLU A 48 0.22 8.89 15.69
CA GLU A 48 0.62 10.22 16.13
C GLU A 48 2.04 10.17 16.70
N PRO A 49 2.69 11.31 16.89
CA PRO A 49 4.07 11.31 17.42
C PRO A 49 4.19 10.62 18.77
N GLN A 50 5.27 9.86 18.93
CA GLN A 50 5.55 9.09 20.14
C GLN A 50 4.44 8.11 20.49
N SER A 51 3.67 7.66 19.49
CA SER A 51 2.65 6.63 19.72
C SER A 51 3.25 5.24 19.66
N PHE A 52 2.39 4.20 19.56
CA PHE A 52 2.81 2.81 19.73
C PHE A 52 1.61 1.90 19.57
N VAL A 53 1.64 0.97 18.59
CA VAL A 53 0.55 0.00 18.44
C VAL A 53 0.87 -1.24 19.24
N LEU A 54 -0.13 -1.77 19.95
CA LEU A 54 0.07 -2.94 20.79
C LEU A 54 0.48 -4.14 19.93
N PRO A 55 1.38 -4.98 20.41
CA PRO A 55 1.80 -6.14 19.63
C PRO A 55 0.62 -7.04 19.29
N HIS A 56 0.52 -7.40 18.01
CA HIS A 56 -0.58 -8.21 17.51
C HIS A 56 -0.07 -9.07 16.37
N HIS A 57 -0.96 -9.89 15.82
CA HIS A 57 -0.65 -10.67 14.63
C HIS A 57 -1.93 -10.86 13.83
N CYS A 58 -1.84 -10.67 12.52
CA CYS A 58 -2.98 -10.80 11.62
C CYS A 58 -2.92 -12.15 10.93
N ASP A 59 -4.09 -12.75 10.70
CA ASP A 59 -4.18 -13.87 9.78
C ASP A 59 -4.24 -13.29 8.38
N GLY A 60 -3.19 -13.54 7.59
CA GLY A 60 -3.08 -12.90 6.30
C GLY A 60 -1.72 -12.28 6.05
N GLU A 61 -1.22 -12.44 4.83
CA GLU A 61 0.11 -11.95 4.49
C GLU A 61 0.04 -10.46 4.16
N ALA A 62 0.89 -9.68 4.81
CA ALA A 62 0.80 -8.22 4.77
C ALA A 62 2.05 -7.60 4.13
N ILE A 63 1.91 -6.33 3.75
CA ILE A 63 3.00 -5.53 3.19
C ILE A 63 2.80 -4.11 3.70
N TYR A 64 3.70 -3.65 4.56
CA TYR A 64 3.69 -2.27 5.02
C TYR A 64 4.53 -1.40 4.09
N VAL A 65 3.97 -0.26 3.71
CA VAL A 65 4.70 0.76 2.97
C VAL A 65 4.54 2.07 3.72
N VAL A 66 5.66 2.71 4.06
CA VAL A 66 5.63 3.96 4.81
C VAL A 66 5.44 5.12 3.84
N VAL A 67 4.43 5.93 4.10
CA VAL A 67 4.10 7.07 3.25
C VAL A 67 4.59 8.37 3.84
N LYS A 68 4.48 8.55 5.16
CA LYS A 68 4.91 9.77 5.80
C LYS A 68 5.61 9.47 7.12
N GLY A 69 6.72 10.15 7.36
CA GLY A 69 7.38 10.08 8.64
C GLY A 69 8.38 8.95 8.76
N GLN A 70 8.68 8.62 10.01
CA GLN A 70 9.64 7.57 10.32
C GLN A 70 9.23 6.92 11.63
N GLY A 71 9.77 5.74 11.87
CA GLY A 71 9.42 5.01 13.08
C GLY A 71 10.16 3.69 13.15
N VAL A 72 9.84 2.93 14.18
CA VAL A 72 10.49 1.66 14.51
C VAL A 72 9.45 0.56 14.53
N ILE A 73 9.76 -0.57 13.89
CA ILE A 73 8.90 -1.75 13.88
C ILE A 73 9.66 -2.92 14.48
N ASN A 74 8.91 -3.86 15.05
CA ASN A 74 9.49 -5.06 15.65
C ASN A 74 8.63 -6.26 15.27
N ILE A 75 9.23 -7.23 14.58
CA ILE A 75 8.55 -8.45 14.16
C ILE A 75 9.03 -9.58 15.05
N ALA A 76 8.09 -10.22 15.76
CA ALA A 76 8.39 -11.28 16.69
C ALA A 76 7.83 -12.61 16.18
N GLU A 77 8.68 -13.61 16.09
CA GLU A 77 8.28 -14.96 15.70
C GLU A 77 8.73 -15.93 16.79
N GLN A 78 8.27 -17.18 16.68
CA GLN A 78 8.47 -18.16 17.75
C GLN A 78 9.93 -18.27 18.16
N ASP A 79 10.83 -18.38 17.17
CA ASP A 79 12.26 -18.49 17.45
C ASP A 79 13.03 -17.56 16.50
N ASN A 80 12.67 -16.28 16.54
CA ASN A 80 13.27 -15.25 15.69
C ASN A 80 12.75 -13.87 16.09
N LYS A 81 13.66 -12.89 16.22
CA LYS A 81 13.30 -11.54 16.61
C LYS A 81 14.04 -10.55 15.73
N ASN A 82 13.35 -9.51 15.29
CA ASN A 82 13.93 -8.53 14.38
C ASN A 82 13.32 -7.16 14.65
N SER A 83 14.17 -6.15 14.78
CA SER A 83 13.75 -4.77 15.00
C SER A 83 14.35 -3.90 13.91
N PHE A 84 13.50 -3.33 13.06
CA PHE A 84 13.92 -2.41 12.02
C PHE A 84 13.29 -1.05 12.27
N ASN A 85 13.95 0.00 11.80
CA ASN A 85 13.36 1.32 11.75
C ASN A 85 13.22 1.74 10.28
N LEU A 86 12.13 2.43 9.99
CA LEU A 86 11.78 2.75 8.62
C LEU A 86 11.72 4.25 8.42
N GLN A 87 12.09 4.70 7.23
CA GLN A 87 11.90 6.08 6.82
C GLN A 87 10.78 6.14 5.79
N LYS A 88 10.71 7.25 5.05
CA LYS A 88 9.72 7.41 4.01
C LYS A 88 10.06 6.52 2.82
N GLY A 89 9.04 5.82 2.29
CA GLY A 89 9.21 4.97 1.14
C GLY A 89 9.62 3.55 1.45
N ASP A 90 10.08 3.28 2.68
CA ASP A 90 10.53 1.95 3.03
C ASP A 90 9.39 0.93 2.96
N VAL A 91 9.61 -0.15 2.21
CA VAL A 91 8.69 -1.26 2.14
C VAL A 91 9.21 -2.40 3.00
N ILE A 92 8.31 -3.08 3.69
CA ILE A 92 8.68 -4.23 4.51
C ILE A 92 7.56 -5.24 4.44
N ARG A 93 7.91 -6.52 4.42
CA ARG A 93 6.95 -7.59 4.22
C ARG A 93 6.64 -8.25 5.55
N LEU A 94 5.36 -8.29 5.92
CA LEU A 94 4.93 -8.97 7.12
C LEU A 94 4.31 -10.30 6.73
N PHE A 95 4.77 -11.38 7.35
CA PHE A 95 4.28 -12.71 7.07
C PHE A 95 3.12 -13.03 8.00
N ALA A 96 2.26 -13.94 7.56
CA ALA A 96 1.09 -14.29 8.34
C ALA A 96 1.49 -14.86 9.69
N GLY A 97 0.67 -14.59 10.70
CA GLY A 97 0.92 -15.08 12.04
C GLY A 97 2.06 -14.41 12.79
N SER A 98 2.85 -13.57 12.14
CA SER A 98 3.97 -12.92 12.80
C SER A 98 3.49 -11.77 13.67
N ASN A 99 4.05 -11.67 14.86
CA ASN A 99 3.68 -10.61 15.80
C ASN A 99 4.41 -9.32 15.43
N VAL A 100 3.73 -8.20 15.60
CA VAL A 100 4.26 -6.92 15.13
C VAL A 100 3.78 -5.80 16.04
N TYR A 101 4.65 -4.83 16.28
CA TYR A 101 4.32 -3.61 16.98
C TYR A 101 5.11 -2.46 16.37
N LEU A 102 4.46 -1.31 16.26
CA LEU A 102 5.05 -0.13 15.63
C LEU A 102 5.23 0.98 16.67
N LEU A 103 5.86 2.07 16.22
CA LEU A 103 6.08 3.24 17.07
C LEU A 103 6.53 4.41 16.21
N ASN A 104 5.98 5.59 16.49
CA ASN A 104 6.44 6.83 15.88
C ASN A 104 7.54 7.41 16.77
N LYS A 105 8.79 7.25 16.35
CA LYS A 105 9.89 7.77 17.17
C LYS A 105 10.11 9.26 16.96
N ASP A 106 9.36 9.90 16.07
CA ASP A 106 9.51 11.32 15.80
C ASP A 106 8.63 12.12 16.74
N ASN A 107 9.15 13.27 17.19
CA ASN A 107 8.45 14.09 18.16
C ASN A 107 7.48 15.08 17.53
N ASN A 108 7.65 15.41 16.26
CA ASN A 108 6.77 16.34 15.56
C ASN A 108 6.10 15.73 14.34
N GLU A 109 6.81 14.91 13.56
CA GLU A 109 6.26 14.33 12.36
C GLU A 109 5.31 13.18 12.70
N LYS A 110 4.40 12.91 11.77
CA LYS A 110 3.37 11.89 11.95
C LYS A 110 3.74 10.65 11.14
N LEU A 111 3.13 9.52 11.50
CA LEU A 111 3.46 8.24 10.86
C LEU A 111 2.25 7.74 10.08
N PHE A 112 2.41 7.65 8.76
CA PHE A 112 1.39 7.15 7.85
C PHE A 112 1.94 5.93 7.13
N VAL A 113 1.19 4.83 7.16
CA VAL A 113 1.64 3.54 6.64
C VAL A 113 0.55 2.98 5.74
N TYR A 114 0.83 2.93 4.44
CA TYR A 114 -0.08 2.32 3.48
C TYR A 114 0.11 0.81 3.51
N VAL A 115 -0.97 0.07 3.72
CA VAL A 115 -0.89 -1.35 4.07
C VAL A 115 -1.69 -2.18 3.07
N LEU A 116 -1.11 -3.32 2.67
CA LEU A 116 -1.80 -4.34 1.91
C LEU A 116 -1.77 -5.64 2.68
N ALA A 117 -2.83 -6.43 2.56
CA ALA A 117 -2.87 -7.74 3.20
C ALA A 117 -3.88 -8.63 2.48
N LYS A 118 -3.45 -9.86 2.20
CA LYS A 118 -4.27 -10.87 1.56
C LYS A 118 -4.78 -11.85 2.60
N SER A 119 -6.02 -12.29 2.45
CA SER A 119 -6.61 -13.25 3.38
C SER A 119 -5.92 -14.61 3.23
N VAL A 120 -6.31 -15.54 4.11
CA VAL A 120 -5.76 -16.90 4.08
C VAL A 120 -6.83 -17.85 4.59
N ASN A 121 -7.77 -17.33 5.36
CA ASN A 121 -8.81 -18.16 5.97
C ASN A 121 -10.11 -18.10 5.17
N ALA A 122 -10.69 -16.91 5.00
CA ALA A 122 -11.88 -16.75 4.21
C ALA A 122 -11.66 -15.55 3.30
N PRO A 123 -12.06 -15.63 2.03
CA PRO A 123 -11.77 -14.58 1.06
C PRO A 123 -12.12 -13.18 1.53
N GLY A 124 -11.11 -12.38 1.84
CA GLY A 124 -11.29 -11.04 2.35
C GLY A 124 -11.35 -10.95 3.86
N ASN A 125 -11.78 -12.03 4.52
CA ASN A 125 -11.88 -12.05 5.97
C ASN A 125 -10.51 -11.85 6.61
N LEU A 126 -10.31 -10.69 7.24
CA LEU A 126 -9.04 -10.34 7.86
C LEU A 126 -9.28 -9.97 9.31
N GLN A 127 -8.47 -10.55 10.21
CA GLN A 127 -8.63 -10.34 11.63
C GLN A 127 -7.27 -10.05 12.26
N GLU A 128 -7.26 -9.17 13.25
CA GLU A 128 -6.05 -8.84 14.01
C GLU A 128 -6.18 -9.42 15.40
N TYR A 129 -5.23 -10.26 15.78
CA TYR A 129 -5.21 -10.89 17.09
C TYR A 129 -4.22 -10.14 17.99
N PHE A 130 -4.74 -9.51 19.03
CA PHE A 130 -3.92 -8.71 19.94
C PHE A 130 -3.52 -9.53 21.15
N SER A 131 -2.22 -9.81 21.26
CA SER A 131 -1.68 -10.45 22.43
C SER A 131 -1.63 -9.50 23.62
N ALA A 132 -1.40 -8.22 23.35
CA ALA A 132 -1.43 -7.19 24.37
C ALA A 132 -2.86 -6.75 24.66
N GLY A 133 -3.02 -5.55 25.22
CA GLY A 133 -4.34 -5.02 25.48
C GLY A 133 -4.92 -5.52 26.78
N GLY A 134 -6.10 -4.98 27.10
CA GLY A 134 -6.86 -5.41 28.26
C GLY A 134 -8.33 -5.51 27.92
N GLN A 135 -9.11 -4.51 28.32
CA GLN A 135 -10.49 -4.45 27.84
C GLN A 135 -10.54 -3.88 26.43
N ASN A 136 -9.72 -2.87 26.14
CA ASN A 136 -9.63 -2.32 24.79
C ASN A 136 -8.20 -2.36 24.24
N PRO A 137 -7.99 -3.16 23.18
CA PRO A 137 -9.02 -4.12 22.77
C PRO A 137 -8.85 -5.38 23.61
N GLU A 138 -9.80 -6.30 23.52
CA GLU A 138 -9.66 -7.56 24.23
C GLU A 138 -8.34 -8.22 23.86
N SER A 139 -7.75 -8.90 24.84
CA SER A 139 -6.60 -9.77 24.58
C SER A 139 -7.12 -11.18 24.43
N PHE A 140 -6.71 -11.86 23.35
CA PHE A 140 -7.19 -13.23 23.15
C PHE A 140 -6.84 -14.13 24.33
N TYR A 141 -5.89 -13.70 25.17
CA TYR A 141 -5.56 -14.46 26.38
C TYR A 141 -6.76 -14.55 27.33
N ARG A 142 -7.75 -13.68 27.17
CA ARG A 142 -8.95 -13.69 28.00
C ARG A 142 -10.06 -14.57 27.42
N ALA A 143 -9.79 -15.28 26.34
CA ALA A 143 -10.71 -16.27 25.80
C ALA A 143 -10.44 -17.66 26.33
N PHE A 144 -9.43 -17.81 27.18
CA PHE A 144 -9.07 -19.09 27.76
C PHE A 144 -9.53 -19.12 29.21
N SER A 145 -9.91 -20.32 29.66
CA SER A 145 -10.30 -20.48 31.05
C SER A 145 -9.15 -20.09 31.97
N SER A 146 -9.52 -19.68 33.19
CA SER A 146 -8.51 -19.24 34.15
C SER A 146 -7.61 -20.38 34.56
N ASP A 147 -8.16 -21.60 34.71
CA ASP A 147 -7.34 -22.73 35.09
C ASP A 147 -6.39 -23.13 33.97
N ILE A 148 -6.78 -22.89 32.71
CA ILE A 148 -5.87 -23.14 31.59
C ILE A 148 -4.67 -22.21 31.68
N LEU A 149 -4.94 -20.90 31.70
CA LEU A 149 -3.87 -19.92 31.84
C LEU A 149 -3.05 -20.16 33.10
N GLU A 150 -3.73 -20.48 34.20
CA GLU A 150 -3.05 -20.76 35.46
C GLU A 150 -2.09 -21.93 35.31
N SER A 151 -2.45 -22.92 34.50
CA SER A 151 -1.58 -24.08 34.29
C SER A 151 -0.55 -23.85 33.19
N ALA A 152 -0.78 -22.87 32.31
CA ALA A 152 0.16 -22.58 31.23
C ALA A 152 1.28 -21.67 31.70
N PHE A 153 0.92 -20.53 32.30
CA PHE A 153 1.92 -19.59 32.79
C PHE A 153 2.47 -19.95 34.16
N ASN A 154 1.89 -20.94 34.84
CA ASN A 154 2.25 -21.33 36.20
C ASN A 154 1.89 -20.26 37.23
N ASN A 155 0.89 -19.42 36.95
CA ASN A 155 0.58 -18.28 37.81
C ASN A 155 -0.86 -18.36 38.31
N PRO A 156 -1.11 -17.94 39.56
CA PRO A 156 -2.47 -17.98 40.10
C PRO A 156 -3.40 -17.11 39.28
N ARG A 157 -4.70 -17.43 39.34
CA ARG A 157 -5.71 -16.73 38.56
C ARG A 157 -5.98 -15.34 39.12
N ASP A 158 -4.96 -14.73 39.74
CA ASP A 158 -5.04 -13.37 40.24
C ASP A 158 -4.07 -12.46 39.51
N LYS A 159 -2.77 -12.79 39.47
CA LYS A 159 -1.83 -11.98 38.73
C LYS A 159 -2.14 -11.99 37.24
N LEU A 160 -2.56 -13.14 36.71
CA LEU A 160 -2.98 -13.20 35.32
C LEU A 160 -4.27 -12.41 35.10
N GLU A 161 -5.19 -12.48 36.05
CA GLU A 161 -6.45 -11.74 35.91
C GLU A 161 -6.20 -10.24 35.88
N ARG A 162 -5.35 -9.75 36.78
CA ARG A 162 -4.99 -8.34 36.83
C ARG A 162 -4.05 -7.93 35.70
N LEU A 163 -3.46 -8.88 34.99
CA LEU A 163 -2.51 -8.56 33.93
C LEU A 163 -3.22 -8.33 32.59
N PHE A 164 -3.97 -9.33 32.14
CA PHE A 164 -4.66 -9.28 30.85
C PHE A 164 -5.92 -8.44 30.89
N GLY A 165 -6.39 -8.04 32.06
CA GLY A 165 -7.61 -7.27 32.16
C GLY A 165 -7.37 -5.79 32.41
N GLN A 166 -6.44 -5.47 33.30
CA GLN A 166 -6.19 -4.09 33.71
C GLN A 166 -5.42 -3.37 32.60
N HIS A 167 -6.18 -2.87 31.63
CA HIS A 167 -5.63 -2.07 30.53
C HIS A 167 -6.76 -1.40 29.77
N LYS A 168 -6.86 -0.07 29.87
CA LYS A 168 -8.01 0.64 29.37
C LYS A 168 -7.77 1.26 28.00
N GLU A 169 -6.61 1.89 27.81
CA GLU A 169 -6.28 2.61 26.58
C GLU A 169 -6.38 1.69 25.37
N GLY A 170 -6.64 2.26 24.20
CA GLY A 170 -6.87 1.48 22.98
C GLY A 170 -5.63 0.82 22.41
N ILE A 171 -5.63 0.61 21.08
CA ILE A 171 -4.48 -0.03 20.45
C ILE A 171 -3.25 0.88 20.51
N ILE A 172 -3.41 2.12 20.06
CA ILE A 172 -2.29 3.05 19.95
C ILE A 172 -2.27 3.92 21.19
N ILE A 173 -1.20 3.80 21.98
CA ILE A 173 -1.04 4.60 23.20
C ILE A 173 0.21 5.44 23.04
N LYS A 174 0.54 6.20 24.08
CA LYS A 174 1.70 7.08 24.07
C LYS A 174 2.92 6.38 24.66
N ALA A 175 4.05 6.51 23.98
CA ALA A 175 5.33 6.05 24.50
C ALA A 175 6.13 7.24 25.00
N SER A 176 7.14 6.96 25.81
CA SER A 176 7.98 8.00 26.39
C SER A 176 9.45 7.73 26.07
N GLU A 177 10.26 8.78 26.20
CA GLU A 177 11.69 8.70 25.87
C GLU A 177 12.39 7.52 26.53
N GLU A 178 12.15 7.31 27.83
CA GLU A 178 12.77 6.19 28.52
C GLU A 178 12.38 4.86 27.86
N GLN A 179 11.21 4.80 27.23
CA GLN A 179 10.82 3.61 26.49
C GLN A 179 11.40 3.62 25.08
N ILE A 180 11.25 4.75 24.37
CA ILE A 180 11.66 4.88 22.98
C ILE A 180 13.14 4.60 22.81
N ARG A 181 13.97 5.38 23.52
CA ARG A 181 15.42 5.27 23.37
C ARG A 181 15.88 3.83 23.50
N ALA A 182 15.20 3.05 24.36
CA ALA A 182 15.51 1.63 24.47
C ALA A 182 14.94 0.86 23.27
N ILE A 183 13.70 1.17 22.89
CA ILE A 183 13.07 0.51 21.75
C ILE A 183 13.85 0.78 20.48
N SER A 184 14.20 2.06 20.24
CA SER A 184 14.95 2.41 19.04
C SER A 184 16.37 1.88 19.07
N GLU A 185 16.92 1.57 20.24
CA GLU A 185 18.24 0.96 20.30
C GLU A 185 18.21 -0.52 19.92
N HIS A 186 17.13 -1.23 20.28
CA HIS A 186 16.93 -2.57 19.74
C HIS A 186 16.86 -2.54 18.22
N ALA A 187 16.29 -1.47 17.66
CA ALA A 187 16.18 -1.33 16.21
C ALA A 187 17.49 -0.92 15.57
N SER A 188 18.35 -0.21 16.30
CA SER A 188 19.61 0.28 15.77
C SER A 188 20.48 -0.89 15.29
N ARG A 189 20.63 -1.01 13.98
CA ARG A 189 21.36 -2.09 13.35
C ARG A 189 22.74 -1.61 12.92
N SER A 190 23.61 -2.55 12.56
CA SER A 190 24.97 -2.27 12.13
C SER A 190 25.22 -2.92 10.78
N THR A 191 25.97 -2.21 9.93
CA THR A 191 26.31 -2.67 8.58
C THR A 191 25.07 -3.03 7.76
N GLN A 199 13.34 -10.61 6.68
CA GLN A 199 14.24 -9.71 5.95
C GLN A 199 13.93 -8.25 6.26
N GLY A 200 14.93 -7.40 6.10
CA GLY A 200 14.80 -6.01 6.42
C GLY A 200 13.95 -5.26 5.40
N PRO A 201 13.82 -3.96 5.60
CA PRO A 201 13.07 -3.13 4.65
C PRO A 201 13.92 -2.69 3.47
N PHE A 202 13.23 -2.22 2.44
CA PHE A 202 13.87 -1.63 1.26
C PHE A 202 13.09 -0.41 0.82
N ASN A 203 13.79 0.70 0.59
CA ASN A 203 13.14 1.90 0.11
C ASN A 203 12.63 1.69 -1.31
N LEU A 204 11.65 2.50 -1.69
CA LEU A 204 11.05 2.44 -3.01
C LEU A 204 11.96 3.02 -4.09
N MET A 205 12.98 3.78 -3.70
CA MET A 205 13.96 4.33 -4.61
C MET A 205 15.29 3.58 -4.55
N LYS A 206 15.29 2.36 -3.99
CA LYS A 206 16.44 1.47 -4.09
C LYS A 206 16.84 1.20 -5.53
N GLU A 207 15.94 1.46 -6.46
CA GLU A 207 16.14 1.20 -7.87
C GLU A 207 16.13 2.51 -8.64
N ARG A 208 16.63 2.44 -9.86
CA ARG A 208 16.43 3.53 -10.80
C ARG A 208 14.98 3.49 -11.29
N PRO A 209 14.43 4.65 -11.67
CA PRO A 209 13.06 4.66 -12.18
C PRO A 209 12.89 3.68 -13.33
N VAL A 210 11.90 2.79 -13.18
CA VAL A 210 11.58 1.86 -14.27
C VAL A 210 11.26 2.63 -15.54
N PHE A 211 10.55 3.74 -15.40
CA PHE A 211 10.24 4.64 -16.49
C PHE A 211 10.51 6.06 -16.02
N GLU A 212 10.92 6.93 -16.94
CA GLU A 212 11.26 8.29 -16.51
C GLU A 212 11.26 9.22 -17.71
N SER A 213 10.86 10.46 -17.46
CA SER A 213 10.89 11.54 -18.44
C SER A 213 11.24 12.83 -17.71
N ARG A 214 11.31 13.93 -18.44
CA ARG A 214 11.52 15.20 -17.75
C ARG A 214 10.28 15.68 -17.03
N PHE A 215 9.23 14.87 -16.96
CA PHE A 215 7.97 15.28 -16.35
C PHE A 215 7.44 14.28 -15.34
N GLY A 216 8.12 13.16 -15.10
CA GLY A 216 7.63 12.21 -14.14
C GLY A 216 8.58 11.03 -13.99
N GLN A 217 8.35 10.26 -12.93
CA GLN A 217 9.14 9.09 -12.60
C GLN A 217 8.21 7.97 -12.17
N PHE A 218 8.62 6.72 -12.42
CA PHE A 218 7.90 5.57 -11.91
C PHE A 218 8.89 4.59 -11.32
N PHE A 219 8.80 4.36 -10.02
CA PHE A 219 9.52 3.33 -9.32
C PHE A 219 8.58 2.17 -9.03
N GLU A 220 9.12 0.94 -9.06
CA GLU A 220 8.31 -0.25 -8.84
C GLU A 220 9.18 -1.34 -8.22
N ALA A 221 8.87 -1.74 -6.99
CA ALA A 221 9.46 -2.92 -6.40
C ALA A 221 8.77 -4.16 -6.95
N ARG A 222 9.54 -5.06 -7.54
CA ARG A 222 8.97 -6.20 -8.25
C ARG A 222 9.23 -7.50 -7.49
N PRO A 223 8.36 -8.50 -7.66
CA PRO A 223 8.67 -9.83 -7.11
C PRO A 223 9.87 -10.48 -7.79
N GLU A 224 10.10 -10.20 -9.07
CA GLU A 224 11.22 -10.81 -9.79
C GLU A 224 12.56 -10.35 -9.25
N ARG A 225 12.63 -9.18 -8.62
CA ARG A 225 13.83 -8.72 -7.93
C ARG A 225 13.77 -9.03 -6.44
N TYR A 226 12.76 -8.49 -5.75
CA TYR A 226 12.66 -8.66 -4.31
C TYR A 226 11.97 -9.97 -3.98
N GLU A 227 12.66 -10.83 -3.23
CA GLU A 227 12.10 -12.12 -2.86
C GLU A 227 10.86 -11.95 -1.98
N GLN A 228 10.88 -10.96 -1.09
CA GLN A 228 9.80 -10.73 -0.13
C GLN A 228 8.44 -10.73 -0.82
N LEU A 229 8.42 -10.37 -2.09
CA LEU A 229 7.18 -10.17 -2.83
C LEU A 229 6.74 -11.39 -3.63
N ARG A 230 7.59 -12.42 -3.73
CA ARG A 230 7.29 -13.53 -4.63
C ARG A 230 6.12 -14.38 -4.14
N ASP A 231 5.96 -14.52 -2.83
CA ASP A 231 4.83 -15.27 -2.30
C ASP A 231 3.50 -14.62 -2.67
N LEU A 232 3.33 -13.35 -2.30
CA LEU A 232 2.10 -12.63 -2.60
C LEU A 232 1.93 -12.33 -4.08
N ASP A 233 3.00 -12.43 -4.87
CA ASP A 233 2.96 -12.05 -6.28
C ASP A 233 2.54 -10.60 -6.43
N ALA A 234 3.06 -9.74 -5.56
CA ALA A 234 2.63 -8.36 -5.45
C ALA A 234 3.79 -7.42 -5.74
N ALA A 235 3.49 -6.30 -6.38
CA ALA A 235 4.49 -5.27 -6.69
C ALA A 235 4.05 -3.95 -6.08
N VAL A 236 4.99 -3.26 -5.43
CA VAL A 236 4.75 -1.95 -4.85
C VAL A 236 5.35 -0.93 -5.82
N GLY A 237 4.52 -0.43 -6.73
CA GLY A 237 4.95 0.64 -7.61
C GLY A 237 4.68 2.00 -6.99
N PHE A 238 5.51 2.97 -7.37
CA PHE A 238 5.37 4.34 -6.90
C PHE A 238 5.51 5.26 -8.09
N MET A 239 4.51 6.11 -8.32
CA MET A 239 4.47 6.98 -9.48
C MET A 239 4.58 8.42 -9.03
N ASN A 240 5.61 9.10 -9.52
CA ASN A 240 5.90 10.48 -9.17
C ASN A 240 5.71 11.34 -10.42
N ILE A 241 4.60 12.07 -10.48
CA ILE A 241 4.31 12.98 -11.58
C ILE A 241 4.65 14.39 -11.14
N ASN A 242 5.21 15.17 -12.06
CA ASN A 242 5.61 16.53 -11.76
C ASN A 242 4.42 17.48 -11.87
N GLN A 243 4.60 18.70 -11.36
CA GLN A 243 3.52 19.69 -11.33
C GLN A 243 3.02 19.98 -12.74
N GLY A 244 1.70 19.91 -12.91
CA GLY A 244 1.10 20.16 -14.19
C GLY A 244 1.37 19.10 -15.25
N GLY A 245 1.95 17.96 -14.87
CA GLY A 245 2.26 16.91 -15.80
C GLY A 245 1.21 15.82 -15.84
N MET A 246 1.49 14.79 -16.64
CA MET A 246 0.54 13.71 -16.84
C MET A 246 1.27 12.45 -17.27
N VAL A 247 0.64 11.31 -17.01
CA VAL A 247 1.09 10.03 -17.55
C VAL A 247 0.38 9.78 -18.86
N LEU A 248 1.14 9.44 -19.89
CA LEU A 248 0.54 9.08 -21.15
C LEU A 248 -0.36 7.86 -20.95
N PRO A 249 -1.50 7.80 -21.63
CA PRO A 249 -2.42 6.67 -21.42
C PRO A 249 -1.74 5.34 -21.64
N TYR A 250 -1.88 4.46 -20.66
CA TYR A 250 -1.23 3.16 -20.65
C TYR A 250 -2.17 2.16 -20.00
N TYR A 251 -1.79 0.89 -20.06
CA TYR A 251 -2.52 -0.17 -19.37
C TYR A 251 -1.54 -1.23 -18.89
N ASN A 252 -1.99 -1.99 -17.90
CA ASN A 252 -1.20 -3.07 -17.34
C ASN A 252 -1.61 -4.39 -17.99
N THR A 253 -0.63 -5.28 -18.15
CA THR A 253 -0.86 -6.51 -18.90
C THR A 253 -1.63 -7.54 -18.07
N LYS A 254 -1.23 -7.77 -16.82
CA LYS A 254 -1.96 -8.73 -15.99
C LYS A 254 -2.18 -8.28 -14.56
N SER A 255 -1.72 -7.11 -14.16
CA SER A 255 -1.72 -6.71 -12.76
C SER A 255 -2.86 -5.75 -12.48
N THR A 256 -3.74 -6.12 -11.56
CA THR A 256 -4.70 -5.19 -10.99
C THR A 256 -3.99 -4.38 -9.90
N LYS A 257 -4.06 -3.06 -10.01
CA LYS A 257 -3.38 -2.16 -9.07
C LYS A 257 -4.38 -1.56 -8.10
N LEU A 258 -3.90 -1.30 -6.88
CA LEU A 258 -4.67 -0.66 -5.82
C LEU A 258 -3.91 0.60 -5.46
N VAL A 259 -4.13 1.64 -6.22
CA VAL A 259 -3.35 2.87 -6.20
C VAL A 259 -4.03 3.90 -5.32
N MET A 260 -3.23 4.67 -4.59
CA MET A 260 -3.74 5.68 -3.67
C MET A 260 -2.84 6.90 -3.70
N VAL A 261 -3.45 8.08 -3.78
CA VAL A 261 -2.68 9.33 -3.87
C VAL A 261 -2.10 9.65 -2.50
N ILE A 262 -0.83 10.07 -2.49
CA ILE A 262 -0.16 10.45 -1.25
C ILE A 262 0.33 11.89 -1.25
N GLU A 263 0.29 12.58 -2.39
CA GLU A 263 0.69 13.98 -2.46
C GLU A 263 0.09 14.57 -3.73
N GLY A 264 -0.56 15.72 -3.60
CA GLY A 264 -1.15 16.37 -4.75
C GLY A 264 -2.54 15.87 -5.04
N ASN A 265 -3.11 16.41 -6.12
CA ASN A 265 -4.43 16.04 -6.58
C ASN A 265 -4.32 15.49 -7.99
N ALA A 266 -4.82 14.28 -8.19
CA ALA A 266 -4.71 13.58 -9.45
C ALA A 266 -6.05 13.55 -10.16
N ARG A 267 -6.04 13.83 -11.45
CA ARG A 267 -7.21 13.70 -12.32
C ARG A 267 -6.99 12.51 -13.23
N PHE A 268 -7.90 11.55 -13.18
CA PHE A 268 -7.73 10.29 -13.88
C PHE A 268 -8.87 10.07 -14.87
N GLU A 269 -8.56 9.38 -15.96
CA GLU A 269 -9.56 8.93 -16.93
C GLU A 269 -9.17 7.54 -17.39
N MET A 270 -10.17 6.67 -17.52
CA MET A 270 -9.91 5.25 -17.74
C MET A 270 -11.07 4.64 -18.52
N ALA A 271 -10.74 3.69 -19.40
CA ALA A 271 -11.71 3.06 -20.28
C ALA A 271 -12.14 1.71 -19.71
N CYS A 272 -13.41 1.36 -19.93
CA CYS A 272 -13.95 0.08 -19.47
C CYS A 272 -14.53 -0.72 -20.64
N TYR A 306 -16.93 0.93 -24.50
CA TYR A 306 -15.98 1.34 -23.47
C TYR A 306 -16.48 2.55 -22.69
N GLN A 307 -16.94 2.31 -21.48
CA GLN A 307 -17.42 3.38 -20.63
C GLN A 307 -16.25 4.22 -20.14
N LYS A 308 -16.39 5.55 -20.27
CA LYS A 308 -15.36 6.48 -19.82
C LYS A 308 -15.60 6.81 -18.36
N ILE A 309 -14.86 6.16 -17.47
CA ILE A 309 -14.92 6.48 -16.05
C ILE A 309 -13.87 7.55 -15.74
N ARG A 310 -14.34 8.69 -15.23
CA ARG A 310 -13.49 9.83 -14.95
C ARG A 310 -13.69 10.27 -13.50
N GLY A 311 -12.75 11.04 -12.99
CA GLY A 311 -12.86 11.50 -11.61
C GLY A 311 -11.62 12.25 -11.20
N ASN A 312 -11.67 12.77 -9.97
CA ASN A 312 -10.55 13.45 -9.35
C ASN A 312 -10.16 12.70 -8.08
N LEU A 313 -8.86 12.63 -7.81
CA LEU A 313 -8.35 11.88 -6.69
C LEU A 313 -7.58 12.81 -5.77
N ASN A 314 -8.01 12.89 -4.51
CA ASN A 314 -7.30 13.64 -3.49
C ASN A 314 -6.41 12.71 -2.68
N VAL A 315 -5.60 13.29 -1.82
CA VAL A 315 -4.71 12.50 -0.98
C VAL A 315 -5.52 11.60 -0.06
N GLY A 316 -5.19 10.31 -0.06
CA GLY A 316 -5.86 9.34 0.77
C GLY A 316 -6.95 8.55 0.07
N ASP A 317 -7.37 8.96 -1.11
CA ASP A 317 -8.36 8.22 -1.87
C ASP A 317 -7.72 7.05 -2.59
N VAL A 318 -8.44 5.94 -2.66
CA VAL A 318 -7.96 4.72 -3.31
C VAL A 318 -8.68 4.54 -4.63
N LEU A 319 -7.93 4.18 -5.67
CA LEU A 319 -8.48 3.79 -6.95
C LEU A 319 -7.93 2.42 -7.33
N VAL A 320 -8.80 1.58 -7.88
CA VAL A 320 -8.41 0.24 -8.33
C VAL A 320 -8.30 0.29 -9.85
N ILE A 321 -7.12 -0.07 -10.37
CA ILE A 321 -6.94 -0.17 -11.81
C ILE A 321 -6.87 -1.64 -12.19
N PRO A 322 -7.98 -2.24 -12.62
CA PRO A 322 -7.95 -3.63 -13.06
C PRO A 322 -7.04 -3.81 -14.26
N ALA A 323 -6.61 -5.05 -14.45
CA ALA A 323 -5.68 -5.39 -15.52
C ALA A 323 -6.30 -5.15 -16.89
N GLY A 324 -5.51 -4.57 -17.79
CA GLY A 324 -5.93 -4.34 -19.15
C GLY A 324 -6.57 -2.99 -19.41
N HIS A 325 -7.11 -2.36 -18.37
CA HIS A 325 -7.87 -1.12 -18.57
C HIS A 325 -6.90 0.04 -18.77
N PRO A 326 -7.02 0.79 -19.86
CA PRO A 326 -6.21 2.00 -20.04
C PRO A 326 -6.57 3.06 -19.01
N ILE A 327 -5.58 3.88 -18.64
CA ILE A 327 -5.78 4.90 -17.64
C ILE A 327 -4.70 5.97 -17.79
N THR A 328 -5.03 7.19 -17.37
CA THR A 328 -4.08 8.30 -17.36
C THR A 328 -4.30 9.14 -16.12
N PHE A 329 -3.21 9.73 -15.62
CA PHE A 329 -3.24 10.59 -14.44
C PHE A 329 -2.68 11.96 -14.80
N VAL A 330 -3.26 13.01 -14.22
CA VAL A 330 -2.84 14.39 -14.50
C VAL A 330 -2.75 15.14 -13.19
N ALA A 331 -1.64 15.86 -12.99
CA ALA A 331 -1.46 16.66 -11.79
C ALA A 331 -2.30 17.93 -11.88
N THR A 332 -3.22 18.10 -10.92
CA THR A 332 -4.17 19.21 -10.92
C THR A 332 -4.04 19.97 -9.60
N GLY A 333 -3.36 21.11 -9.64
CA GLY A 333 -3.24 21.96 -8.47
C GLY A 333 -1.86 22.59 -8.32
N ASN A 334 -1.72 23.45 -7.31
CA ASN A 334 -0.41 24.05 -7.04
C ASN A 334 0.63 23.00 -6.67
N SER A 335 0.18 21.90 -6.07
CA SER A 335 1.07 20.89 -5.52
C SER A 335 1.63 20.00 -6.63
N ASN A 336 2.34 18.94 -6.23
CA ASN A 336 2.95 18.00 -7.16
C ASN A 336 1.97 16.84 -7.36
N LEU A 337 2.48 15.65 -7.72
CA LEU A 337 1.63 14.47 -7.76
C LEU A 337 2.51 13.24 -7.46
N ARG A 338 2.43 12.77 -6.22
CA ARG A 338 3.05 11.52 -5.80
C ARG A 338 1.95 10.54 -5.45
N ILE A 339 2.02 9.34 -6.00
CA ILE A 339 0.88 8.44 -5.86
C ILE A 339 1.34 6.99 -5.89
N VAL A 340 1.10 6.29 -4.78
CA VAL A 340 1.65 4.96 -4.56
C VAL A 340 0.54 3.93 -4.72
N GLY A 341 0.93 2.69 -4.97
CA GLY A 341 -0.05 1.63 -5.17
C GLY A 341 0.50 0.21 -5.17
N PHE A 342 -0.27 -0.71 -4.59
CA PHE A 342 0.03 -2.13 -4.69
C PHE A 342 -0.49 -2.71 -5.99
N GLY A 343 0.17 -3.76 -6.46
CA GLY A 343 -0.27 -4.47 -7.64
C GLY A 343 -0.28 -5.96 -7.43
N VAL A 344 -1.44 -6.58 -7.61
CA VAL A 344 -1.57 -8.02 -7.43
C VAL A 344 -1.27 -8.71 -8.75
N ASP A 345 -0.94 -10.01 -8.66
CA ASP A 345 -0.58 -10.81 -9.83
C ASP A 345 0.57 -10.16 -10.61
N ALA A 346 1.62 -9.81 -9.86
CA ALA A 346 2.62 -8.85 -10.34
C ALA A 346 3.64 -9.44 -11.30
N GLU A 347 3.93 -10.74 -11.19
CA GLU A 347 4.95 -11.34 -12.03
C GLU A 347 4.69 -11.06 -13.51
N ASN A 348 5.76 -10.83 -14.25
CA ASN A 348 5.75 -10.66 -15.70
C ASN A 348 4.88 -9.49 -16.18
N ASN A 349 4.34 -8.68 -15.27
CA ASN A 349 3.45 -7.60 -15.66
C ASN A 349 4.26 -6.47 -16.29
N LYS A 350 3.90 -6.12 -17.52
CA LYS A 350 4.50 -4.98 -18.22
C LYS A 350 3.53 -3.81 -18.23
N LYS A 351 4.03 -2.65 -18.62
CA LYS A 351 3.20 -1.50 -18.92
C LYS A 351 3.30 -1.19 -20.40
N ASN A 352 2.14 -1.11 -21.06
CA ASN A 352 2.05 -0.83 -22.48
C ASN A 352 1.45 0.56 -22.64
N PHE A 353 2.21 1.47 -23.25
CA PHE A 353 1.78 2.84 -23.41
C PHE A 353 1.04 3.02 -24.73
N LEU A 354 -0.02 3.82 -24.69
CA LEU A 354 -0.85 4.06 -25.86
C LEU A 354 -0.55 5.38 -26.54
N ALA A 355 0.49 6.09 -26.09
CA ALA A 355 0.94 7.31 -26.75
C ALA A 355 2.42 7.52 -26.42
N GLY A 356 3.03 8.43 -27.15
CA GLY A 356 4.43 8.77 -26.93
C GLY A 356 5.35 8.08 -27.91
N LYS A 357 6.64 8.40 -27.77
CA LYS A 357 7.64 7.87 -28.70
C LYS A 357 7.77 6.36 -28.59
N GLN A 358 7.69 5.83 -27.36
CA GLN A 358 7.70 4.39 -27.12
C GLN A 358 6.30 3.98 -26.66
N ASN A 359 5.42 3.78 -27.64
CA ASN A 359 4.10 3.19 -27.45
C ASN A 359 4.01 1.90 -28.26
N ILE A 360 2.90 1.18 -28.09
CA ILE A 360 2.77 -0.11 -28.76
C ILE A 360 2.65 0.05 -30.27
N TRP A 361 2.23 1.23 -30.74
CA TRP A 361 1.93 1.39 -32.16
C TRP A 361 3.17 1.34 -33.04
N ARG A 362 4.35 1.72 -32.53
CA ARG A 362 5.54 1.59 -33.35
C ARG A 362 5.81 0.13 -33.68
N ASN A 363 5.37 -0.77 -32.80
CA ASN A 363 5.49 -2.21 -33.02
C ASN A 363 4.30 -2.77 -33.80
N ILE A 364 3.50 -1.90 -34.41
CA ILE A 364 2.50 -2.29 -35.39
C ILE A 364 2.88 -1.63 -36.71
N ASP A 365 2.86 -2.40 -37.80
CA ASP A 365 3.38 -1.90 -39.06
C ASP A 365 2.40 -0.94 -39.71
N ARG A 366 2.80 -0.41 -40.87
CA ARG A 366 2.05 0.67 -41.52
C ARG A 366 0.72 0.18 -42.06
N GLU A 367 0.73 -0.96 -42.77
CA GLU A 367 -0.48 -1.43 -43.41
C GLU A 367 -1.55 -1.77 -42.39
N ALA A 368 -1.15 -2.34 -41.25
CA ALA A 368 -2.10 -2.59 -40.17
C ALA A 368 -2.69 -1.28 -39.65
N LYS A 369 -1.87 -0.23 -39.60
CA LYS A 369 -2.40 1.07 -39.21
C LYS A 369 -3.44 1.57 -40.21
N GLU A 370 -3.22 1.31 -41.50
CA GLU A 370 -4.19 1.70 -42.52
C GLU A 370 -5.53 1.02 -42.28
N LEU A 371 -5.53 -0.31 -42.21
CA LEU A 371 -6.76 -1.05 -41.95
C LEU A 371 -7.38 -0.65 -40.62
N SER A 372 -6.57 -0.21 -39.66
CA SER A 372 -7.07 0.05 -38.32
C SER A 372 -7.92 1.32 -38.27
N PHE A 373 -7.42 2.41 -38.85
CA PHE A 373 -8.13 3.69 -38.79
C PHE A 373 -8.67 4.15 -40.14
N SER A 374 -8.50 3.36 -41.20
CA SER A 374 -9.03 3.67 -42.54
C SER A 374 -8.54 5.03 -43.02
N MET A 375 -7.22 5.19 -43.00
CA MET A 375 -6.52 6.37 -43.50
C MET A 375 -5.18 5.93 -44.03
N PRO A 376 -4.51 6.73 -44.86
CA PRO A 376 -3.17 6.36 -45.33
C PRO A 376 -2.21 6.12 -44.17
N GLY A 377 -1.29 5.19 -44.38
CA GLY A 377 -0.44 4.74 -43.28
C GLY A 377 0.58 5.77 -42.87
N ARG A 378 1.27 6.37 -43.85
CA ARG A 378 2.21 7.44 -43.55
C ARG A 378 1.51 8.62 -42.87
N GLU A 379 0.18 8.69 -42.94
CA GLU A 379 -0.54 9.80 -42.34
C GLU A 379 -0.81 9.56 -40.86
N VAL A 380 -1.22 8.34 -40.49
CA VAL A 380 -1.41 8.01 -39.08
C VAL A 380 -0.06 7.78 -38.41
N GLU A 381 0.94 7.31 -39.16
CA GLU A 381 2.27 7.14 -38.60
C GLU A 381 2.87 8.48 -38.19
N GLU A 382 2.52 9.55 -38.91
CA GLU A 382 2.98 10.88 -38.56
C GLU A 382 2.13 11.54 -37.49
N ILE A 383 1.02 10.91 -37.11
CA ILE A 383 0.25 11.34 -35.94
C ILE A 383 0.87 10.79 -34.67
N PHE A 384 1.19 9.49 -34.68
CA PHE A 384 1.70 8.83 -33.48
C PHE A 384 3.15 9.19 -33.17
N GLN A 385 3.87 9.77 -34.13
CA GLN A 385 5.31 9.98 -33.98
C GLN A 385 5.68 11.41 -33.63
N ARG A 386 4.78 12.38 -33.77
CA ARG A 386 5.12 13.77 -33.53
C ARG A 386 5.03 14.15 -32.06
N GLN A 387 5.05 13.18 -31.15
CA GLN A 387 5.33 13.41 -29.74
C GLN A 387 6.72 12.83 -29.46
N ASP A 388 7.69 13.71 -29.22
CA ASP A 388 9.06 13.27 -29.00
C ASP A 388 9.26 12.63 -27.63
N GLN A 389 8.34 12.86 -26.70
CA GLN A 389 8.47 12.37 -25.34
C GLN A 389 7.70 11.06 -25.19
N SER A 390 8.12 10.25 -24.22
CA SER A 390 7.75 8.83 -24.18
C SER A 390 6.74 8.48 -23.10
N TYR A 391 7.02 8.80 -21.84
CA TYR A 391 6.23 8.29 -20.73
C TYR A 391 5.45 9.38 -20.00
N PHE A 392 6.10 10.46 -19.60
CA PHE A 392 5.45 11.57 -18.93
C PHE A 392 5.62 12.83 -19.75
N VAL A 393 4.53 13.58 -19.92
CA VAL A 393 4.57 14.83 -20.70
C VAL A 393 3.88 15.94 -19.91
N ALA A 394 3.68 17.08 -20.56
CA ALA A 394 3.00 18.22 -19.93
C ALA A 394 1.49 18.03 -20.01
N GLY A 395 0.85 18.00 -18.86
CA GLY A 395 -0.59 17.86 -18.80
C GLY A 395 -1.31 19.10 -19.28
N PRO A 396 -2.61 18.98 -19.56
CA PRO A 396 -3.38 20.12 -20.08
C PRO A 396 -3.46 21.25 -19.05
N GLU A 397 -2.91 22.40 -19.40
CA GLU A 397 -2.88 23.53 -18.48
C GLU A 397 -4.23 24.26 -18.45
C1' SAL B . 0.18 1.27 -12.05
O1' SAL B . 0.78 0.22 -12.42
O2' SAL B . -0.76 1.72 -12.74
C1 SAL B . 0.63 1.98 -10.78
C2 SAL B . 0.22 3.28 -10.54
C3 SAL B . 0.61 3.94 -9.39
C4 SAL B . 1.43 3.29 -8.48
C5 SAL B . 1.85 2.00 -8.71
C6 SAL B . 1.45 1.33 -9.87
O2 SAL B . -0.60 3.92 -11.47
#